data_9HWS
#
_entry.id   9HWS
#
_cell.length_a   103.277
_cell.length_b   103.277
_cell.length_c   55.043
_cell.angle_alpha   90.000
_cell.angle_beta   90.000
_cell.angle_gamma   120.000
#
_symmetry.space_group_name_H-M   'P 61'
#
loop_
_entity.id
_entity.type
_entity.pdbx_description
1 polymer 'Kelch-like ECH-associated protein 1'
2 non-polymer '3-[7-[2-(cycloheptylamino)-2-oxidanylidene-ethoxy]naphthalen-2-yl]propanoic acid'
3 non-polymer 'SULFATE ION'
4 non-polymer 'DIMETHYL SULFOXIDE'
5 non-polymer 'CHLORIDE ION'
6 water water
#
_entity_poly.entity_id   1
_entity_poly.type   'polypeptide(L)'
_entity_poly.pdbx_seq_one_letter_code
;GPKVGRLIYTAGGYFRQSLSYLEAYNPSNGSWLRLADLQVPRSGLAGCVVGGLLYAVGGRNNSPDGNTDSSALDCYNPMT
NQWSPCASMSVPRNRIGVGVIDGHIYAVGGSHGCIHHSSVERYEPERDEWHLVAPMLTRRIGVGVAVLNRLLYAVGGFDG
TNRLNSAECYYPERNEWRMITPMNTIRSGAGVCVLHNCIYAAGGYDGQDQLNSVERYDVETETWTFVAPMRHHRSALGIT
VHQGKIYVLGGYDGHTFLDSVECYDPDSDTWSEVTRMTSGRSGVGVAVTMEPCRKQIDQQNCTC
;
_entity_poly.pdbx_strand_id   A
#
loop_
_chem_comp.id
_chem_comp.type
_chem_comp.name
_chem_comp.formula
A1IX3 non-polymer '3-[7-[2-(cycloheptylamino)-2-oxidanylidene-ethoxy]naphthalen-2-yl]propanoic acid' 'C22 H27 N O4'
CL non-polymer 'CHLORIDE ION' 'Cl -1'
DMS non-polymer 'DIMETHYL SULFOXIDE' 'C2 H6 O S'
SO4 non-polymer 'SULFATE ION' 'O4 S -2'
#
# COMPACT_ATOMS: atom_id res chain seq x y z
N LYS A 3 -12.28 -19.70 -2.18
CA LYS A 3 -11.22 -19.04 -1.42
C LYS A 3 -9.84 -19.63 -1.75
N VAL A 4 -9.81 -20.85 -2.28
CA VAL A 4 -8.53 -21.53 -2.52
C VAL A 4 -7.85 -20.91 -3.72
N GLY A 5 -6.53 -21.15 -3.81
CA GLY A 5 -5.76 -20.82 -4.97
C GLY A 5 -5.25 -19.41 -5.03
N ARG A 6 -5.29 -18.66 -3.93
CA ARG A 6 -4.90 -17.25 -3.93
C ARG A 6 -3.48 -17.07 -3.45
N LEU A 7 -2.76 -16.11 -4.05
CA LEU A 7 -1.37 -15.83 -3.72
C LEU A 7 -1.23 -14.38 -3.29
N ILE A 8 -0.21 -14.11 -2.50
CA ILE A 8 0.19 -12.75 -2.14
C ILE A 8 1.22 -12.28 -3.17
N TYR A 9 0.85 -11.28 -3.94
CA TYR A 9 1.71 -10.72 -4.97
C TYR A 9 2.44 -9.49 -4.44
N THR A 10 3.74 -9.41 -4.71
CA THR A 10 4.52 -8.22 -4.39
C THR A 10 5.11 -7.68 -5.69
N ALA A 11 4.90 -6.39 -5.92
CA ALA A 11 5.28 -5.75 -7.16
C ALA A 11 6.24 -4.60 -6.87
N GLY A 12 7.31 -4.51 -7.66
CA GLY A 12 8.20 -3.38 -7.51
C GLY A 12 9.00 -3.38 -6.22
N GLY A 13 9.39 -2.17 -5.82
CA GLY A 13 10.13 -1.97 -4.60
C GLY A 13 11.45 -1.26 -4.85
N TYR A 14 12.24 -1.20 -3.79
CA TYR A 14 13.48 -0.44 -3.78
C TYR A 14 14.56 -1.21 -3.04
N PHE A 15 15.72 -1.34 -3.69
CA PHE A 15 16.96 -1.76 -3.03
C PHE A 15 18.08 -1.24 -3.93
N ARG A 16 18.72 -0.14 -3.51
CA ARG A 16 19.75 0.55 -4.27
C ARG A 16 19.16 1.32 -5.45
N GLN A 17 18.13 0.77 -6.11
CA GLN A 17 17.35 1.46 -7.14
C GLN A 17 15.94 0.88 -7.13
N SER A 18 15.02 1.49 -7.88
CA SER A 18 13.68 0.93 -8.01
C SER A 18 13.71 -0.37 -8.81
N LEU A 19 12.78 -1.26 -8.49
CA LEU A 19 12.82 -2.64 -8.95
C LEU A 19 11.60 -2.97 -9.80
N SER A 20 11.77 -3.93 -10.72
CA SER A 20 10.69 -4.35 -11.60
CA SER A 20 10.69 -4.35 -11.60
C SER A 20 10.07 -5.69 -11.20
N TYR A 21 10.47 -6.25 -10.05
CA TYR A 21 10.10 -7.63 -9.74
C TYR A 21 8.58 -7.75 -9.50
N LEU A 22 8.01 -8.84 -10.01
CA LEU A 22 6.69 -9.30 -9.60
C LEU A 22 6.87 -10.72 -9.08
N GLU A 23 6.62 -10.94 -7.78
CA GLU A 23 6.82 -12.24 -7.17
C GLU A 23 5.59 -12.56 -6.34
N ALA A 24 5.24 -13.83 -6.28
CA ALA A 24 3.99 -14.24 -5.64
C ALA A 24 4.24 -15.37 -4.67
N TYR A 25 3.72 -15.22 -3.46
CA TYR A 25 3.89 -16.16 -2.35
C TYR A 25 2.61 -16.94 -2.12
N ASN A 26 2.76 -18.25 -1.90
CA ASN A 26 1.63 -19.13 -1.66
C ASN A 26 1.62 -19.51 -0.17
N PRO A 27 0.74 -18.92 0.64
CA PRO A 27 0.77 -19.25 2.08
C PRO A 27 0.51 -20.71 2.35
N SER A 28 -0.11 -21.43 1.41
N SER A 28 -0.12 -21.43 1.41
CA SER A 28 -0.49 -22.82 1.66
CA SER A 28 -0.49 -22.82 1.69
C SER A 28 0.68 -23.77 1.57
C SER A 28 0.70 -23.76 1.61
N ASN A 29 1.71 -23.46 0.77
CA ASN A 29 2.87 -24.32 0.67
C ASN A 29 4.21 -23.63 0.86
N GLY A 30 4.23 -22.32 1.12
CA GLY A 30 5.47 -21.61 1.36
C GLY A 30 6.26 -21.24 0.12
N SER A 31 5.76 -21.54 -1.07
CA SER A 31 6.54 -21.36 -2.28
C SER A 31 6.43 -19.92 -2.78
N TRP A 32 7.47 -19.51 -3.50
CA TRP A 32 7.50 -18.22 -4.20
C TRP A 32 7.67 -18.45 -5.69
N LEU A 33 7.02 -17.61 -6.47
CA LEU A 33 7.14 -17.63 -7.92
C LEU A 33 7.63 -16.28 -8.41
N ARG A 34 8.56 -16.25 -9.37
CA ARG A 34 8.93 -15.01 -10.04
C ARG A 34 8.13 -14.93 -11.34
N LEU A 35 7.39 -13.84 -11.53
CA LEU A 35 6.45 -13.67 -12.63
C LEU A 35 6.94 -12.51 -13.51
N ALA A 36 6.10 -12.11 -14.46
CA ALA A 36 6.50 -11.10 -15.45
C ALA A 36 6.91 -9.79 -14.78
N ASP A 37 8.10 -9.32 -15.10
CA ASP A 37 8.54 -8.01 -14.64
C ASP A 37 7.57 -6.91 -15.06
N LEU A 38 7.43 -5.91 -14.19
CA LEU A 38 6.86 -4.62 -14.60
C LEU A 38 7.61 -4.07 -15.81
N GLN A 39 6.84 -3.39 -16.66
CA GLN A 39 7.43 -2.73 -17.81
C GLN A 39 8.43 -1.65 -17.39
N VAL A 40 8.11 -0.92 -16.33
CA VAL A 40 8.95 0.15 -15.78
C VAL A 40 9.21 -0.14 -14.31
N PRO A 41 10.46 -0.17 -13.86
CA PRO A 41 10.71 -0.36 -12.42
C PRO A 41 10.09 0.76 -11.61
N ARG A 42 9.51 0.41 -10.48
CA ARG A 42 8.91 1.42 -9.65
C ARG A 42 8.98 1.05 -8.17
N SER A 43 9.23 2.04 -7.33
CA SER A 43 9.09 1.94 -5.88
C SER A 43 8.03 2.96 -5.46
N GLY A 44 7.53 2.81 -4.24
CA GLY A 44 6.56 3.78 -3.76
C GLY A 44 5.23 3.70 -4.44
N LEU A 45 4.95 2.58 -5.09
CA LEU A 45 3.69 2.31 -5.78
C LEU A 45 2.75 1.60 -4.82
N ALA A 46 1.50 1.45 -5.25
CA ALA A 46 0.53 0.66 -4.50
C ALA A 46 0.00 -0.44 -5.41
N GLY A 47 -0.39 -1.56 -4.83
CA GLY A 47 -1.03 -2.63 -5.57
C GLY A 47 -2.47 -2.80 -5.09
N CYS A 48 -3.34 -3.20 -6.01
CA CYS A 48 -4.70 -3.56 -5.63
C CYS A 48 -5.23 -4.53 -6.68
N VAL A 49 -6.40 -5.13 -6.38
CA VAL A 49 -6.98 -6.13 -7.28
C VAL A 49 -8.45 -5.78 -7.52
N VAL A 50 -8.85 -5.76 -8.79
CA VAL A 50 -10.25 -5.61 -9.18
C VAL A 50 -10.57 -6.63 -10.26
N GLY A 51 -11.62 -7.41 -10.05
CA GLY A 51 -12.04 -8.33 -11.08
C GLY A 51 -10.98 -9.36 -11.41
N GLY A 52 -10.19 -9.75 -10.43
CA GLY A 52 -9.15 -10.74 -10.62
C GLY A 52 -7.88 -10.21 -11.24
N LEU A 53 -7.85 -8.95 -11.66
CA LEU A 53 -6.66 -8.36 -12.26
C LEU A 53 -5.89 -7.58 -11.20
N LEU A 54 -4.56 -7.67 -11.26
CA LEU A 54 -3.69 -6.95 -10.35
C LEU A 54 -3.30 -5.62 -10.98
N TYR A 55 -3.45 -4.54 -10.23
CA TYR A 55 -3.12 -3.21 -10.71
C TYR A 55 -1.93 -2.67 -9.93
N ALA A 56 -0.98 -2.09 -10.67
CA ALA A 56 0.14 -1.35 -10.09
C ALA A 56 -0.07 0.13 -10.38
N VAL A 57 -0.06 0.95 -9.34
CA VAL A 57 -0.50 2.33 -9.41
C VAL A 57 0.61 3.26 -8.93
N GLY A 58 1.04 4.18 -9.79
CA GLY A 58 1.93 5.23 -9.33
C GLY A 58 3.35 4.75 -9.02
N GLY A 59 3.99 5.49 -8.10
CA GLY A 59 5.36 5.22 -7.70
C GLY A 59 6.37 6.15 -8.34
N ARG A 60 7.61 5.69 -8.33
CA ARG A 60 8.75 6.43 -8.86
C ARG A 60 9.77 5.43 -9.38
N ASN A 61 10.38 5.75 -10.52
CA ASN A 61 11.55 4.98 -10.98
C ASN A 61 12.81 5.73 -10.59
N ASN A 62 13.45 5.28 -9.52
N ASN A 62 13.48 5.26 -9.54
CA ASN A 62 14.79 5.68 -9.15
CA ASN A 62 14.80 5.72 -9.17
C ASN A 62 15.80 4.82 -9.91
C ASN A 62 15.83 4.84 -9.85
N SER A 63 16.75 5.45 -10.57
CA SER A 63 17.79 4.70 -11.26
C SER A 63 19.04 5.55 -11.21
N PRO A 64 20.19 5.01 -11.61
CA PRO A 64 21.36 5.89 -11.75
C PRO A 64 21.15 7.02 -12.74
N ASP A 65 20.29 6.85 -13.74
CA ASP A 65 20.08 7.83 -14.80
C ASP A 65 18.88 8.76 -14.55
N GLY A 66 18.29 8.74 -13.36
CA GLY A 66 17.22 9.68 -13.09
C GLY A 66 16.25 9.21 -12.00
N ASN A 67 15.31 10.10 -11.67
CA ASN A 67 14.19 9.80 -10.78
C ASN A 67 12.94 10.32 -11.48
N THR A 68 12.05 9.42 -11.90
CA THR A 68 10.85 9.82 -12.62
C THR A 68 9.63 9.37 -11.83
N ASP A 69 8.84 10.33 -11.33
CA ASP A 69 7.56 10.00 -10.67
C ASP A 69 6.58 9.48 -11.70
N SER A 70 5.76 8.53 -11.29
CA SER A 70 4.91 7.78 -12.19
C SER A 70 3.45 8.18 -12.06
N SER A 71 2.80 8.45 -13.19
CA SER A 71 1.34 8.55 -13.27
C SER A 71 0.70 7.26 -13.77
N ALA A 72 1.46 6.19 -13.84
CA ALA A 72 1.03 5.00 -14.55
C ALA A 72 0.05 4.15 -13.75
N LEU A 73 -0.86 3.52 -14.51
CA LEU A 73 -1.71 2.44 -14.05
C LEU A 73 -1.46 1.28 -15.01
N ASP A 74 -0.96 0.17 -14.49
CA ASP A 74 -0.69 -1.01 -15.29
C ASP A 74 -1.43 -2.18 -14.68
N CYS A 75 -1.89 -3.10 -15.54
N CYS A 75 -1.99 -3.05 -15.52
CA CYS A 75 -2.76 -4.20 -15.17
CA CYS A 75 -2.75 -4.19 -15.03
C CYS A 75 -2.08 -5.52 -15.48
C CYS A 75 -2.06 -5.49 -15.45
N TYR A 76 -1.98 -6.40 -14.49
CA TYR A 76 -1.40 -7.73 -14.68
C TYR A 76 -2.52 -8.76 -14.68
N ASN A 77 -2.55 -9.61 -15.71
CA ASN A 77 -3.52 -10.69 -15.78
C ASN A 77 -2.85 -12.01 -15.44
N PRO A 78 -3.18 -12.65 -14.33
CA PRO A 78 -2.54 -13.93 -13.99
C PRO A 78 -2.81 -15.03 -15.00
N MET A 79 -3.88 -14.94 -15.76
CA MET A 79 -4.16 -15.97 -16.76
C MET A 79 -3.13 -15.97 -17.87
N THR A 80 -2.59 -14.80 -18.22
CA THR A 80 -1.65 -14.65 -19.31
C THR A 80 -0.23 -14.39 -18.87
N ASN A 81 -0.01 -14.07 -17.57
CA ASN A 81 1.28 -13.62 -17.08
C ASN A 81 1.81 -12.44 -17.90
N GLN A 82 0.93 -11.50 -18.22
CA GLN A 82 1.30 -10.32 -18.99
C GLN A 82 0.77 -9.06 -18.32
N TRP A 83 1.58 -8.00 -18.39
CA TRP A 83 1.17 -6.64 -18.02
C TRP A 83 0.65 -5.90 -19.24
N SER A 84 -0.40 -5.08 -19.03
CA SER A 84 -0.95 -4.20 -20.04
C SER A 84 -1.07 -2.80 -19.48
N PRO A 85 -0.76 -1.77 -20.27
N PRO A 85 -0.70 -1.76 -20.23
CA PRO A 85 -0.98 -0.39 -19.79
CA PRO A 85 -0.95 -0.40 -19.76
C PRO A 85 -2.45 -0.07 -19.74
C PRO A 85 -2.43 -0.07 -19.74
N CYS A 86 -2.83 0.67 -18.71
CA CYS A 86 -4.15 1.26 -18.58
C CYS A 86 -4.03 2.77 -18.66
N ALA A 87 -5.18 3.44 -18.60
CA ALA A 87 -5.19 4.89 -18.61
C ALA A 87 -4.35 5.42 -17.45
N SER A 88 -3.57 6.45 -17.74
CA SER A 88 -2.74 7.11 -16.75
C SER A 88 -3.55 8.11 -15.92
N MET A 89 -3.04 8.36 -14.72
CA MET A 89 -3.64 9.26 -13.75
C MET A 89 -3.39 10.70 -14.23
N SER A 90 -4.10 11.63 -13.61
CA SER A 90 -3.95 13.03 -13.97
C SER A 90 -2.58 13.60 -13.63
N VAL A 91 -1.85 12.96 -12.72
N VAL A 91 -1.91 13.02 -12.65
CA VAL A 91 -0.65 13.54 -12.14
CA VAL A 91 -0.63 13.53 -12.17
C VAL A 91 0.24 12.41 -11.62
C VAL A 91 0.25 12.36 -11.75
N PRO A 92 1.56 12.55 -11.66
CA PRO A 92 2.42 11.53 -11.05
C PRO A 92 2.19 11.49 -9.54
N ARG A 93 2.27 10.30 -8.97
CA ARG A 93 2.04 10.12 -7.54
C ARG A 93 3.00 9.07 -6.98
N ASN A 94 4.11 9.51 -6.40
CA ASN A 94 5.02 8.65 -5.67
C ASN A 94 4.60 8.58 -4.21
N ARG A 95 4.84 7.43 -3.59
CA ARG A 95 4.48 7.23 -2.18
C ARG A 95 2.98 7.43 -2.02
N ILE A 96 2.26 6.76 -2.93
CA ILE A 96 0.82 6.82 -3.09
C ILE A 96 0.12 5.87 -2.13
N GLY A 97 -1.15 6.15 -1.89
CA GLY A 97 -2.04 5.19 -1.25
C GLY A 97 -3.22 4.90 -2.16
N VAL A 98 -3.68 3.65 -2.16
N VAL A 98 -3.74 3.68 -2.09
CA VAL A 98 -4.86 3.31 -2.95
CA VAL A 98 -4.79 3.20 -2.98
C VAL A 98 -5.82 2.48 -2.12
C VAL A 98 -5.80 2.37 -2.19
N GLY A 99 -7.08 2.59 -2.50
CA GLY A 99 -8.15 1.75 -1.98
C GLY A 99 -9.15 1.49 -3.08
N VAL A 100 -9.90 0.39 -2.92
CA VAL A 100 -10.93 0.00 -3.88
C VAL A 100 -12.28 0.04 -3.21
N ILE A 101 -13.23 0.75 -3.82
CA ILE A 101 -14.64 0.74 -3.42
C ILE A 101 -15.48 0.31 -4.62
N ASP A 102 -16.24 -0.77 -4.44
CA ASP A 102 -17.24 -1.19 -5.42
C ASP A 102 -16.65 -1.18 -6.83
N GLY A 103 -15.49 -1.82 -6.97
CA GLY A 103 -14.89 -2.00 -8.27
C GLY A 103 -14.16 -0.82 -8.83
N HIS A 104 -14.03 0.28 -8.07
CA HIS A 104 -13.35 1.49 -8.52
C HIS A 104 -12.09 1.73 -7.70
N ILE A 105 -11.01 2.13 -8.36
CA ILE A 105 -9.73 2.35 -7.67
C ILE A 105 -9.60 3.82 -7.32
N TYR A 106 -9.33 4.10 -6.05
CA TYR A 106 -9.05 5.45 -5.61
C TYR A 106 -7.55 5.62 -5.39
N ALA A 107 -6.97 6.59 -6.08
CA ALA A 107 -5.58 6.97 -5.89
C ALA A 107 -5.50 8.23 -5.05
N VAL A 108 -4.74 8.18 -3.97
CA VAL A 108 -4.77 9.18 -2.91
C VAL A 108 -3.39 9.76 -2.71
N GLY A 109 -3.27 11.09 -2.81
CA GLY A 109 -2.05 11.70 -2.33
C GLY A 109 -0.81 11.39 -3.16
N GLY A 110 0.32 11.31 -2.47
CA GLY A 110 1.59 11.06 -3.13
C GLY A 110 2.28 12.34 -3.52
N SER A 111 3.52 12.19 -3.99
CA SER A 111 4.35 13.34 -4.34
C SER A 111 4.65 13.35 -5.82
N HIS A 112 4.99 14.55 -6.29
CA HIS A 112 5.49 14.80 -7.64
C HIS A 112 6.59 15.84 -7.46
N GLY A 113 7.84 15.40 -7.49
CA GLY A 113 8.91 16.32 -7.10
C GLY A 113 8.64 16.83 -5.70
N CYS A 114 8.75 18.14 -5.52
N CYS A 114 8.75 18.14 -5.52
CA CYS A 114 8.51 18.72 -4.20
CA CYS A 114 8.51 18.75 -4.21
C CYS A 114 7.04 19.00 -3.92
C CYS A 114 7.04 18.97 -3.90
N ILE A 115 6.14 18.64 -4.82
CA ILE A 115 4.71 18.82 -4.60
C ILE A 115 4.19 17.65 -3.78
N HIS A 116 3.48 17.97 -2.69
CA HIS A 116 2.80 16.98 -1.86
C HIS A 116 1.30 17.11 -2.13
N HIS A 117 0.70 16.07 -2.73
CA HIS A 117 -0.68 16.17 -3.18
C HIS A 117 -1.67 16.00 -2.03
N SER A 118 -2.72 16.83 -2.05
CA SER A 118 -4.00 16.48 -1.42
C SER A 118 -5.01 15.87 -2.39
N SER A 119 -4.77 15.95 -3.70
CA SER A 119 -5.73 15.48 -4.69
C SER A 119 -5.92 13.97 -4.63
N VAL A 120 -7.09 13.58 -5.11
CA VAL A 120 -7.59 12.20 -5.11
C VAL A 120 -8.33 11.98 -6.42
N GLU A 121 -8.14 10.82 -7.03
CA GLU A 121 -8.84 10.50 -8.27
C GLU A 121 -9.29 9.05 -8.27
N ARG A 122 -10.29 8.77 -9.09
CA ARG A 122 -11.01 7.50 -9.09
C ARG A 122 -11.02 6.91 -10.49
N TYR A 123 -10.62 5.65 -10.58
CA TYR A 123 -10.53 4.91 -11.84
C TYR A 123 -11.71 3.98 -12.00
N GLU A 124 -12.26 3.99 -13.22
CA GLU A 124 -13.38 3.15 -13.61
C GLU A 124 -12.88 2.07 -14.59
N PRO A 125 -12.69 0.84 -14.16
CA PRO A 125 -12.10 -0.16 -15.08
C PRO A 125 -12.95 -0.44 -16.30
N GLU A 126 -14.26 -0.39 -16.13
CA GLU A 126 -15.20 -0.61 -17.22
C GLU A 126 -15.12 0.46 -18.30
N ARG A 127 -14.70 1.68 -17.97
CA ARG A 127 -14.49 2.70 -18.99
C ARG A 127 -13.02 3.02 -19.26
N ASP A 128 -12.11 2.47 -18.48
CA ASP A 128 -10.69 2.79 -18.56
C ASP A 128 -10.48 4.30 -18.52
N GLU A 129 -11.06 4.92 -17.49
CA GLU A 129 -10.98 6.35 -17.30
C GLU A 129 -10.74 6.69 -15.84
N TRP A 130 -9.95 7.75 -15.63
CA TRP A 130 -9.79 8.39 -14.33
C TRP A 130 -10.57 9.70 -14.29
N HIS A 131 -11.12 10.02 -13.11
CA HIS A 131 -11.67 11.35 -12.86
C HIS A 131 -11.32 11.79 -11.45
N LEU A 132 -11.08 13.09 -11.28
CA LEU A 132 -10.77 13.61 -9.95
C LEU A 132 -12.01 13.65 -9.07
N VAL A 133 -11.81 13.46 -7.77
CA VAL A 133 -12.87 13.60 -6.78
C VAL A 133 -12.41 14.66 -5.79
N ALA A 134 -13.12 14.83 -4.69
CA ALA A 134 -12.75 15.88 -3.74
C ALA A 134 -11.38 15.59 -3.16
N PRO A 135 -10.55 16.62 -2.98
CA PRO A 135 -9.23 16.41 -2.36
C PRO A 135 -9.35 16.23 -0.86
N MET A 136 -8.32 15.60 -0.29
CA MET A 136 -8.25 15.52 1.14
C MET A 136 -8.10 16.88 1.80
N LEU A 137 -8.34 16.90 3.13
CA LEU A 137 -8.17 18.09 3.94
C LEU A 137 -6.72 18.42 4.22
N THR A 138 -5.82 17.45 3.99
CA THR A 138 -4.39 17.52 4.27
C THR A 138 -3.65 16.98 3.07
N ARG A 139 -2.53 17.61 2.73
CA ARG A 139 -1.60 17.03 1.77
C ARG A 139 -0.91 15.83 2.42
N ARG A 140 -0.83 14.70 1.73
CA ARG A 140 -0.25 13.50 2.35
C ARG A 140 0.49 12.66 1.33
N ILE A 141 1.79 12.44 1.59
CA ILE A 141 2.59 11.44 0.88
C ILE A 141 3.04 10.40 1.89
N GLY A 142 3.31 9.18 1.41
CA GLY A 142 3.60 8.10 2.32
C GLY A 142 2.39 7.79 3.16
N VAL A 143 1.23 7.96 2.56
CA VAL A 143 -0.06 7.82 3.24
C VAL A 143 -0.53 6.39 3.15
N GLY A 144 -1.11 5.90 4.24
CA GLY A 144 -1.73 4.60 4.28
C GLY A 144 -3.21 4.72 3.96
N VAL A 145 -3.69 3.85 3.09
CA VAL A 145 -5.10 3.92 2.67
C VAL A 145 -5.74 2.56 2.81
N ALA A 146 -6.98 2.55 3.32
CA ALA A 146 -7.72 1.30 3.34
C ALA A 146 -9.20 1.61 3.30
N VAL A 147 -9.98 0.59 2.96
CA VAL A 147 -11.42 0.72 2.76
C VAL A 147 -12.14 -0.23 3.71
N LEU A 148 -13.10 0.29 4.46
CA LEU A 148 -13.94 -0.52 5.33
C LEU A 148 -15.37 -0.06 5.17
N ASN A 149 -16.29 -0.99 4.88
CA ASN A 149 -17.70 -0.65 4.83
C ASN A 149 -17.94 0.46 3.82
N ARG A 150 -17.26 0.37 2.69
CA ARG A 150 -17.35 1.31 1.59
C ARG A 150 -17.10 2.76 1.99
N LEU A 151 -16.24 2.95 2.97
CA LEU A 151 -15.67 4.24 3.31
C LEU A 151 -14.15 4.14 3.15
N LEU A 152 -13.52 5.22 2.68
CA LEU A 152 -12.10 5.26 2.36
C LEU A 152 -11.34 6.05 3.41
N TYR A 153 -10.28 5.47 3.96
CA TYR A 153 -9.52 6.11 5.03
C TYR A 153 -8.12 6.43 4.52
N ALA A 154 -7.65 7.64 4.85
CA ALA A 154 -6.29 8.06 4.58
C ALA A 154 -5.62 8.37 5.91
N VAL A 155 -4.50 7.73 6.17
CA VAL A 155 -3.92 7.64 7.50
C VAL A 155 -2.46 8.08 7.48
N GLY A 156 -2.12 9.06 8.29
CA GLY A 156 -0.74 9.48 8.44
C GLY A 156 -0.15 10.08 7.18
N GLY A 157 1.16 9.91 7.05
CA GLY A 157 1.91 10.44 5.94
C GLY A 157 2.75 11.65 6.32
N PHE A 158 3.11 12.41 5.29
CA PHE A 158 3.99 13.58 5.38
C PHE A 158 3.38 14.67 4.50
N ASP A 159 3.22 15.87 5.06
CA ASP A 159 2.53 16.92 4.32
C ASP A 159 3.45 17.90 3.64
N GLY A 160 4.76 17.66 3.70
CA GLY A 160 5.77 18.55 3.15
C GLY A 160 6.59 19.24 4.22
N THR A 161 6.03 19.38 5.41
CA THR A 161 6.71 19.95 6.57
C THR A 161 6.73 19.01 7.76
N ASN A 162 5.61 18.37 8.09
CA ASN A 162 5.50 17.51 9.26
C ASN A 162 5.05 16.11 8.87
N ARG A 163 5.60 15.11 9.55
CA ARG A 163 4.99 13.79 9.54
C ARG A 163 3.74 13.83 10.42
N LEU A 164 2.75 12.98 10.06
CA LEU A 164 1.40 13.15 10.57
C LEU A 164 0.93 11.98 11.41
N ASN A 165 0.23 12.30 12.51
CA ASN A 165 -0.64 11.32 13.16
C ASN A 165 -2.09 11.44 12.78
N SER A 166 -2.47 12.45 12.00
CA SER A 166 -3.87 12.65 11.66
C SER A 166 -4.33 11.62 10.63
N ALA A 167 -5.66 11.50 10.53
CA ALA A 167 -6.30 10.60 9.58
C ALA A 167 -7.64 11.20 9.21
N GLU A 168 -8.15 10.80 8.04
CA GLU A 168 -9.42 11.32 7.57
C GLU A 168 -10.13 10.24 6.76
N CYS A 169 -11.43 10.45 6.57
CA CYS A 169 -12.33 9.50 5.95
C CYS A 169 -13.11 10.18 4.83
N TYR A 170 -13.23 9.48 3.71
CA TYR A 170 -13.96 9.95 2.53
C TYR A 170 -15.29 9.23 2.47
N TYR A 171 -16.36 10.01 2.30
CA TYR A 171 -17.72 9.52 2.23
C TYR A 171 -18.19 9.67 0.79
N PRO A 172 -18.18 8.60 -0.01
CA PRO A 172 -18.33 8.78 -1.47
C PRO A 172 -19.64 9.43 -1.87
N GLU A 173 -20.73 9.10 -1.20
CA GLU A 173 -22.01 9.65 -1.63
C GLU A 173 -22.12 11.13 -1.36
N ARG A 174 -21.28 11.69 -0.50
CA ARG A 174 -21.22 13.13 -0.36
C ARG A 174 -20.00 13.78 -0.95
N ASN A 175 -19.10 12.98 -1.53
CA ASN A 175 -17.86 13.47 -2.10
C ASN A 175 -17.18 14.45 -1.14
N GLU A 176 -16.96 13.97 0.09
N GLU A 176 -16.93 13.95 0.07
CA GLU A 176 -16.54 14.81 1.20
CA GLU A 176 -16.53 14.78 1.19
C GLU A 176 -15.57 14.05 2.09
C GLU A 176 -15.53 14.02 2.06
N TRP A 177 -14.54 14.74 2.57
CA TRP A 177 -13.60 14.22 3.55
C TRP A 177 -13.88 14.83 4.92
N ARG A 178 -13.72 14.02 5.97
CA ARG A 178 -13.83 14.49 7.34
C ARG A 178 -12.70 13.90 8.17
N MET A 179 -12.13 14.70 9.06
CA MET A 179 -11.13 14.17 9.98
C MET A 179 -11.73 13.09 10.87
N ILE A 180 -10.93 12.09 11.20
CA ILE A 180 -11.27 11.14 12.25
C ILE A 180 -10.29 11.32 13.40
N THR A 181 -10.49 10.56 14.47
CA THR A 181 -9.56 10.59 15.59
C THR A 181 -8.15 10.37 15.11
N PRO A 182 -7.18 11.16 15.55
CA PRO A 182 -5.79 10.90 15.16
C PRO A 182 -5.20 9.70 15.86
N MET A 183 -4.25 9.06 15.20
CA MET A 183 -3.49 7.97 15.79
C MET A 183 -2.75 8.45 17.02
N ASN A 184 -2.35 7.48 17.84
CA ASN A 184 -1.49 7.79 18.98
C ASN A 184 -0.06 8.07 18.58
N THR A 185 0.37 7.64 17.39
CA THR A 185 1.73 7.75 16.89
C THR A 185 1.75 8.45 15.56
N ILE A 186 2.73 9.35 15.37
CA ILE A 186 3.05 9.89 14.04
C ILE A 186 3.59 8.77 13.18
N ARG A 187 3.03 8.59 11.98
CA ARG A 187 3.50 7.54 11.09
C ARG A 187 3.46 7.99 9.64
N SER A 188 4.63 8.03 9.02
N SER A 188 4.63 8.07 9.02
CA SER A 188 4.77 8.16 7.58
CA SER A 188 4.74 8.16 7.57
C SER A 188 5.31 6.84 7.05
C SER A 188 5.29 6.83 7.05
N GLY A 189 4.72 6.35 5.95
CA GLY A 189 5.16 5.09 5.40
C GLY A 189 4.79 3.88 6.22
N ALA A 190 3.66 3.94 6.91
CA ALA A 190 3.15 2.78 7.60
C ALA A 190 2.45 1.87 6.61
N GLY A 191 2.24 0.62 7.00
CA GLY A 191 1.34 -0.26 6.29
C GLY A 191 -0.05 -0.14 6.89
N VAL A 192 -1.02 0.15 6.05
CA VAL A 192 -2.39 0.35 6.50
C VAL A 192 -3.31 -0.63 5.77
N CYS A 193 -4.15 -1.32 6.55
CA CYS A 193 -5.02 -2.31 5.95
C CYS A 193 -6.27 -2.41 6.84
N VAL A 194 -7.22 -3.24 6.42
CA VAL A 194 -8.45 -3.45 7.18
C VAL A 194 -8.56 -4.91 7.54
N LEU A 195 -9.00 -5.18 8.77
CA LEU A 195 -9.21 -6.54 9.23
C LEU A 195 -10.35 -6.49 10.24
N HIS A 196 -11.41 -7.23 9.95
CA HIS A 196 -12.64 -7.22 10.77
C HIS A 196 -13.17 -5.79 10.78
N ASN A 197 -13.40 -5.18 11.94
CA ASN A 197 -14.01 -3.86 11.95
C ASN A 197 -13.01 -2.76 12.22
N CYS A 198 -11.72 -3.03 11.97
CA CYS A 198 -10.70 -2.06 12.32
C CYS A 198 -9.76 -1.75 11.16
N ILE A 199 -9.27 -0.52 11.16
N ILE A 199 -9.26 -0.53 11.18
CA ILE A 199 -8.19 -0.08 10.29
CA ILE A 199 -8.20 -0.06 10.29
C ILE A 199 -6.90 -0.23 11.07
C ILE A 199 -6.89 -0.20 11.06
N TYR A 200 -5.95 -0.99 10.55
CA TYR A 200 -4.67 -1.20 11.23
C TYR A 200 -3.61 -0.30 10.61
N ALA A 201 -2.74 0.25 11.45
CA ALA A 201 -1.57 1.01 11.00
C ALA A 201 -0.34 0.38 11.63
N ALA A 202 0.50 -0.24 10.80
CA ALA A 202 1.66 -1.00 11.25
C ALA A 202 2.95 -0.30 10.84
N GLY A 203 3.82 -0.07 11.83
CA GLY A 203 5.13 0.46 11.49
C GLY A 203 5.09 1.88 10.98
N GLY A 204 6.06 2.21 10.15
CA GLY A 204 6.21 3.55 9.63
C GLY A 204 7.41 4.23 10.26
N TYR A 205 7.49 5.53 10.04
CA TYR A 205 8.55 6.39 10.56
C TYR A 205 7.90 7.57 11.27
N ASP A 206 8.34 7.86 12.50
CA ASP A 206 7.71 8.89 13.32
C ASP A 206 8.45 10.21 13.27
N GLY A 207 9.46 10.33 12.42
CA GLY A 207 10.33 11.49 12.35
C GLY A 207 11.65 11.29 13.05
N GLN A 208 11.79 10.22 13.78
CA GLN A 208 13.01 9.90 14.53
C GLN A 208 13.44 8.46 14.35
N ASP A 209 12.50 7.52 14.30
CA ASP A 209 12.87 6.13 14.21
C ASP A 209 11.82 5.36 13.40
N GLN A 210 12.27 4.26 12.80
CA GLN A 210 11.37 3.26 12.28
C GLN A 210 10.65 2.56 13.43
N LEU A 211 9.38 2.23 13.22
CA LEU A 211 8.49 1.75 14.27
C LEU A 211 8.21 0.27 14.12
N ASN A 212 8.14 -0.44 15.24
CA ASN A 212 7.50 -1.76 15.24
C ASN A 212 6.09 -1.74 15.85
N SER A 213 5.62 -0.61 16.35
CA SER A 213 4.32 -0.60 16.98
C SER A 213 3.21 -0.66 15.92
N VAL A 214 2.05 -1.12 16.36
CA VAL A 214 0.89 -1.33 15.51
C VAL A 214 -0.34 -0.87 16.28
N GLU A 215 -1.19 -0.08 15.65
CA GLU A 215 -2.42 0.36 16.32
C GLU A 215 -3.60 0.19 15.37
N ARG A 216 -4.78 0.05 15.94
CA ARG A 216 -5.96 -0.17 15.11
C ARG A 216 -7.10 0.75 15.53
N TYR A 217 -7.83 1.24 14.51
CA TYR A 217 -8.95 2.16 14.67
C TYR A 217 -10.23 1.36 14.53
N ASP A 218 -11.04 1.33 15.59
CA ASP A 218 -12.38 0.74 15.55
C ASP A 218 -13.35 1.77 15.01
N VAL A 219 -13.93 1.51 13.84
CA VAL A 219 -14.71 2.54 13.17
C VAL A 219 -16.02 2.82 13.86
N GLU A 220 -16.43 1.98 14.80
CA GLU A 220 -17.63 2.25 15.57
C GLU A 220 -17.31 3.09 16.79
N THR A 221 -16.24 2.76 17.54
CA THR A 221 -15.91 3.46 18.76
C THR A 221 -15.04 4.69 18.54
N GLU A 222 -14.43 4.81 17.35
CA GLU A 222 -13.58 5.93 16.96
C GLU A 222 -12.34 6.04 17.85
N THR A 223 -11.84 4.93 18.35
CA THR A 223 -10.63 4.93 19.17
C THR A 223 -9.52 4.19 18.44
N TRP A 224 -8.27 4.59 18.71
CA TRP A 224 -7.08 3.85 18.29
C TRP A 224 -6.51 3.11 19.49
N THR A 225 -6.24 1.83 19.30
CA THR A 225 -5.71 0.95 20.34
C THR A 225 -4.47 0.23 19.81
N PHE A 226 -3.42 0.17 20.62
CA PHE A 226 -2.25 -0.62 20.23
C PHE A 226 -2.53 -2.11 20.37
N VAL A 227 -1.98 -2.88 19.43
CA VAL A 227 -1.97 -4.34 19.49
C VAL A 227 -0.52 -4.80 19.62
N ALA A 228 -0.27 -6.09 19.55
CA ALA A 228 1.09 -6.58 19.69
C ALA A 228 1.99 -5.93 18.64
N PRO A 229 3.22 -5.55 19.01
CA PRO A 229 4.15 -5.00 18.01
C PRO A 229 4.73 -6.09 17.13
N MET A 230 5.18 -5.66 15.94
CA MET A 230 5.88 -6.54 15.01
C MET A 230 7.22 -6.94 15.64
N ARG A 231 7.79 -8.04 15.14
CA ARG A 231 9.13 -8.40 15.55
C ARG A 231 10.16 -7.36 15.07
N HIS A 232 9.95 -6.78 13.89
CA HIS A 232 10.91 -5.85 13.32
C HIS A 232 10.34 -4.44 13.22
N HIS A 233 11.16 -3.46 13.54
CA HIS A 233 10.88 -2.10 13.12
C HIS A 233 10.87 -2.05 11.60
N ARG A 234 9.89 -1.36 11.02
CA ARG A 234 9.83 -1.30 9.57
C ARG A 234 9.13 -0.02 9.13
N SER A 235 9.76 0.68 8.19
CA SER A 235 9.08 1.72 7.43
C SER A 235 9.08 1.34 5.95
N ALA A 236 8.16 1.94 5.21
CA ALA A 236 7.97 1.66 3.78
C ALA A 236 7.79 0.16 3.54
N LEU A 237 6.96 -0.45 4.37
CA LEU A 237 6.62 -1.86 4.25
C LEU A 237 5.41 -2.07 3.35
N GLY A 238 5.34 -3.26 2.77
CA GLY A 238 4.14 -3.71 2.10
C GLY A 238 3.21 -4.40 3.08
N ILE A 239 1.92 -4.39 2.76
CA ILE A 239 0.91 -4.97 3.67
C ILE A 239 -0.26 -5.48 2.86
N THR A 240 -0.83 -6.58 3.33
CA THR A 240 -2.12 -7.04 2.81
C THR A 240 -2.76 -7.92 3.86
N VAL A 241 -3.99 -8.34 3.58
CA VAL A 241 -4.75 -9.24 4.45
C VAL A 241 -5.12 -10.44 3.62
N HIS A 242 -5.02 -11.62 4.23
CA HIS A 242 -5.35 -12.86 3.54
C HIS A 242 -5.81 -13.87 4.58
N GLN A 243 -7.01 -14.40 4.38
CA GLN A 243 -7.63 -15.39 5.26
C GLN A 243 -7.52 -15.01 6.73
N GLY A 244 -7.92 -13.77 7.01
CA GLY A 244 -8.09 -13.32 8.36
C GLY A 244 -6.85 -12.93 9.10
N LYS A 245 -5.72 -12.79 8.38
CA LYS A 245 -4.45 -12.44 8.98
C LYS A 245 -3.80 -11.31 8.18
N ILE A 246 -3.05 -10.47 8.88
CA ILE A 246 -2.30 -9.41 8.22
C ILE A 246 -0.91 -9.93 7.87
N TYR A 247 -0.48 -9.66 6.65
CA TYR A 247 0.91 -9.94 6.25
C TYR A 247 1.63 -8.63 5.96
N VAL A 248 2.82 -8.46 6.56
CA VAL A 248 3.69 -7.33 6.30
C VAL A 248 4.93 -7.85 5.60
N LEU A 249 5.37 -7.13 4.56
CA LEU A 249 6.46 -7.60 3.72
C LEU A 249 7.54 -6.53 3.61
N GLY A 250 8.76 -6.89 3.98
CA GLY A 250 9.89 -6.01 3.73
C GLY A 250 9.83 -4.72 4.52
N GLY A 251 10.43 -3.68 3.93
CA GLY A 251 10.59 -2.40 4.58
C GLY A 251 12.03 -2.17 5.00
N TYR A 252 12.22 -1.08 5.70
CA TYR A 252 13.55 -0.65 6.15
C TYR A 252 13.52 -0.52 7.67
N ASP A 253 14.53 -1.06 8.36
CA ASP A 253 14.53 -1.07 9.82
C ASP A 253 15.51 -0.07 10.41
N GLY A 254 16.08 0.81 9.60
CA GLY A 254 17.11 1.71 10.01
C GLY A 254 18.52 1.20 9.76
N HIS A 255 18.65 -0.03 9.28
CA HIS A 255 19.96 -0.65 9.06
C HIS A 255 19.98 -1.48 7.79
N THR A 256 18.91 -2.26 7.59
CA THR A 256 18.81 -3.27 6.54
C THR A 256 17.50 -3.05 5.79
N PHE A 257 17.52 -3.33 4.49
CA PHE A 257 16.28 -3.56 3.77
C PHE A 257 15.84 -5.00 4.02
N LEU A 258 14.68 -5.14 4.65
CA LEU A 258 14.27 -6.42 5.21
C LEU A 258 13.73 -7.36 4.15
N ASP A 259 14.05 -8.65 4.27
CA ASP A 259 13.37 -9.68 3.50
C ASP A 259 12.27 -10.38 4.30
N SER A 260 12.13 -10.07 5.57
N SER A 260 12.12 -10.03 5.57
CA SER A 260 11.19 -10.80 6.43
CA SER A 260 11.17 -10.73 6.43
C SER A 260 9.74 -10.48 6.09
C SER A 260 9.72 -10.48 6.03
N VAL A 261 8.90 -11.51 6.18
CA VAL A 261 7.44 -11.40 6.07
C VAL A 261 6.88 -11.88 7.40
N GLU A 262 6.11 -11.03 8.08
CA GLU A 262 5.47 -11.39 9.34
C GLU A 262 3.96 -11.42 9.15
N CYS A 263 3.31 -12.23 9.99
CA CYS A 263 1.88 -12.49 9.88
C CYS A 263 1.25 -12.28 11.25
N TYR A 264 0.22 -11.43 11.30
CA TYR A 264 -0.51 -11.13 12.53
C TYR A 264 -1.81 -11.95 12.63
N ASP A 265 -1.98 -12.63 13.75
CA ASP A 265 -3.20 -13.38 14.07
C ASP A 265 -4.00 -12.57 15.08
N PRO A 266 -5.17 -12.01 14.71
CA PRO A 266 -5.91 -11.19 15.67
C PRO A 266 -6.49 -11.98 16.83
N ASP A 267 -6.70 -13.29 16.67
CA ASP A 267 -7.30 -14.08 17.75
C ASP A 267 -6.34 -14.27 18.90
N SER A 268 -5.07 -14.48 18.61
CA SER A 268 -4.05 -14.60 19.63
C SER A 268 -3.30 -13.30 19.90
N ASP A 269 -3.50 -12.27 19.08
CA ASP A 269 -2.74 -11.03 19.16
C ASP A 269 -1.24 -11.31 19.16
N THR A 270 -0.79 -12.06 18.14
CA THR A 270 0.61 -12.38 18.00
C THR A 270 1.04 -12.23 16.54
N TRP A 271 2.32 -11.89 16.39
CA TRP A 271 3.00 -11.87 15.10
C TRP A 271 3.97 -13.03 15.02
N SER A 272 4.04 -13.67 13.86
N SER A 272 4.02 -13.67 13.86
CA SER A 272 5.02 -14.71 13.62
CA SER A 272 4.98 -14.73 13.58
C SER A 272 5.65 -14.51 12.26
C SER A 272 5.67 -14.46 12.26
N GLU A 273 6.92 -14.88 12.16
CA GLU A 273 7.65 -14.74 10.90
C GLU A 273 7.37 -15.98 10.06
N VAL A 274 6.85 -15.80 8.85
CA VAL A 274 6.32 -16.92 8.10
C VAL A 274 7.17 -17.28 6.89
N THR A 275 7.87 -16.32 6.31
CA THR A 275 8.67 -16.57 5.11
C THR A 275 9.60 -15.39 4.94
N ARG A 276 10.44 -15.47 3.92
CA ARG A 276 11.34 -14.39 3.53
C ARG A 276 11.14 -14.16 2.03
N MET A 277 11.11 -12.91 1.63
CA MET A 277 11.19 -12.61 0.22
C MET A 277 12.53 -13.08 -0.33
N THR A 278 12.62 -13.12 -1.67
CA THR A 278 13.84 -13.56 -2.32
C THR A 278 14.99 -12.60 -2.12
N SER A 279 14.70 -11.34 -1.77
CA SER A 279 15.71 -10.34 -1.46
C SER A 279 15.04 -9.24 -0.65
N GLY A 280 15.83 -8.54 0.15
CA GLY A 280 15.27 -7.44 0.95
C GLY A 280 14.94 -6.25 0.08
N ARG A 281 13.86 -5.56 0.42
CA ARG A 281 13.41 -4.41 -0.35
C ARG A 281 12.36 -3.65 0.44
N SER A 282 12.22 -2.37 0.10
CA SER A 282 11.19 -1.53 0.66
C SER A 282 10.31 -0.95 -0.46
N GLY A 283 9.21 -0.30 -0.07
CA GLY A 283 8.42 0.44 -1.04
C GLY A 283 7.69 -0.40 -2.08
N VAL A 284 7.25 -1.60 -1.71
CA VAL A 284 6.57 -2.50 -2.62
C VAL A 284 5.07 -2.25 -2.61
N GLY A 285 4.41 -2.67 -3.69
CA GLY A 285 2.96 -2.77 -3.75
C GLY A 285 2.56 -4.22 -3.59
N VAL A 286 1.48 -4.46 -2.85
CA VAL A 286 1.10 -5.84 -2.47
C VAL A 286 -0.40 -6.01 -2.63
N ALA A 287 -0.81 -7.15 -3.15
CA ALA A 287 -2.24 -7.45 -3.23
C ALA A 287 -2.40 -8.94 -3.43
N VAL A 288 -3.65 -9.41 -3.31
CA VAL A 288 -3.93 -10.84 -3.34
C VAL A 288 -4.88 -11.14 -4.49
N THR A 289 -4.51 -12.12 -5.32
CA THR A 289 -5.40 -12.61 -6.38
C THR A 289 -5.08 -14.06 -6.71
N MET A 290 -5.78 -14.60 -7.70
CA MET A 290 -5.61 -15.99 -8.07
C MET A 290 -4.20 -16.27 -8.58
N GLU A 291 -3.75 -17.50 -8.38
CA GLU A 291 -2.48 -17.95 -8.93
C GLU A 291 -2.47 -17.91 -10.45
N PRO A 292 -1.30 -17.73 -11.05
CA PRO A 292 -1.22 -17.56 -12.50
C PRO A 292 -1.23 -18.90 -13.22
N CYS A 293 -1.40 -18.83 -14.54
CA CYS A 293 -1.30 -20.02 -15.38
C CYS A 293 0.02 -20.03 -16.15
C1 A1IX3 B . 11.38 3.64 -0.80
C2 A1IX3 B . 13.19 4.60 0.74
C3 A1IX3 B . 12.63 4.03 2.05
C4 A1IX3 B . 13.56 3.12 2.87
C5 A1IX3 B . 14.90 3.69 3.35
C6 A1IX3 B . 15.61 4.76 2.51
C7 A1IX3 B . 15.79 4.38 1.03
C8 A1IX3 B . 14.51 3.98 0.28
C9 A1IX3 B . 10.52 4.02 -2.00
C10 A1IX3 B . 8.58 4.36 -0.50
C11 A1IX3 B . 9.18 5.40 0.19
C12 A1IX3 B . 8.49 6.00 1.27
C13 A1IX3 B . 9.11 7.04 1.96
C14 A1IX3 B . 8.46 7.67 3.02
C15 A1IX3 B . 9.26 8.78 3.68
C16 A1IX3 B . 9.25 8.97 5.20
C17 A1IX3 B . 9.05 10.46 5.52
C18 A1IX3 B . 7.18 7.25 3.38
C19 A1IX3 B . 6.57 6.21 2.70
C20 A1IX3 B . 7.20 5.56 1.64
C21 A1IX3 B . 6.57 4.50 0.91
C22 A1IX3 B . 7.29 3.93 -0.14
N1 A1IX3 B . 12.24 4.59 -0.39
O1 A1IX3 B . 11.22 2.57 -0.36
O2 A1IX3 B . 9.18 3.73 -1.57
O3 A1IX3 B . 9.72 11.31 4.71
O4 A1IX3 B . 8.37 10.88 6.44
HC2 A1IX3 B . 13.36 5.66 0.91
H31 A1IX3 B . 11.69 3.51 1.86
H32 A1IX3 B . 12.27 4.85 2.68
H41 A1IX3 B . 13.74 2.19 2.32
H42 A1IX3 B . 13.01 2.74 3.74
H51 A1IX3 B . 15.60 2.86 3.50
H52 A1IX3 B . 14.78 4.07 4.37
H62 A1IX3 B . 16.58 4.97 2.94
H61 A1IX3 B . 15.04 5.69 2.56
H72 A1IX3 B . 16.52 3.56 0.96
H71 A1IX3 B . 16.28 5.20 0.51
H82 A1IX3 B . 14.66 4.15 -0.79
H81 A1IX3 B . 14.43 2.89 0.28
H92 A1IX3 B . 10.79 3.42 -2.86
H91 A1IX3 B . 10.64 5.08 -2.23
HC11 A1IX3 B . 10.17 5.73 -0.07
HC13 A1IX3 B . 10.10 7.38 1.68
H151 A1IX3 B . 8.97 9.73 3.22
H152 A1IX3 B . 10.30 8.71 3.34
H161 A1IX3 B . 10.20 8.61 5.61
H162 A1IX3 B . 8.46 8.38 5.64
HC18 A1IX3 B . 6.66 7.74 4.19
HC19 A1IX3 B . 5.59 5.88 3.00
HC21 A1IX3 B . 5.58 4.16 1.17
HC22 A1IX3 B . 6.82 3.13 -0.69
HN1 A1IX3 B . 12.29 5.46 -0.90
S SO4 C . -2.20 18.94 -5.52
O1 SO4 C . -2.61 18.89 -6.91
O2 SO4 C . -0.77 18.65 -5.44
O3 SO4 C . -2.40 20.33 -5.01
O4 SO4 C . -2.96 17.98 -4.74
S SO4 D . -25.07 13.60 8.94
O1 SO4 D . -26.22 14.50 9.19
O2 SO4 D . -25.35 12.69 7.85
O3 SO4 D . -23.86 14.33 8.56
O4 SO4 D . -24.84 12.90 10.18
S SO4 E . 13.20 -0.97 20.81
O1 SO4 E . 12.44 -1.99 20.07
O2 SO4 E . 14.40 -0.60 20.06
O3 SO4 E . 12.42 0.27 20.96
O4 SO4 E . 13.53 -1.52 22.13
S SO4 F . 11.78 7.79 -2.79
O1 SO4 F . 10.36 7.67 -2.98
O2 SO4 F . 12.45 6.91 -3.74
O3 SO4 F . 12.20 9.16 -3.03
O4 SO4 F . 12.14 7.40 -1.41
S SO4 G . 9.57 -12.11 -17.96
O1 SO4 G . 8.30 -12.82 -17.84
O2 SO4 G . 10.69 -13.04 -17.78
O3 SO4 G . 9.66 -11.51 -19.31
O4 SO4 G . 9.70 -11.05 -16.97
S DMS H . 12.68 6.19 6.36
O DMS H . 12.71 5.14 7.45
C1 DMS H . 12.33 7.84 7.00
C2 DMS H . 11.19 5.99 5.35
H11 DMS H . 11.30 7.91 7.25
H12 DMS H . 12.56 8.56 6.27
H13 DMS H . 12.91 8.02 7.87
H21 DMS H . 11.21 6.69 4.56
H22 DMS H . 10.34 6.13 5.95
H23 DMS H . 11.17 5.00 4.95
S DMS I . 1.59 26.08 -1.98
O DMS I . 1.59 25.55 -3.40
C1 DMS I . 2.43 27.69 -2.00
C2 DMS I . -0.05 26.61 -1.41
H11 DMS I . 1.95 28.33 -2.70
H12 DMS I . 3.44 27.57 -2.29
H13 DMS I . 2.38 28.13 -1.04
H21 DMS I . -0.79 26.19 -2.04
H22 DMS I . -0.11 27.67 -1.46
H23 DMS I . -0.20 26.30 -0.42
S DMS J . 4.77 8.91 -16.48
O DMS J . 4.37 7.78 -15.60
C1 DMS J . 6.58 8.92 -16.64
C2 DMS J . 4.62 10.49 -15.57
H11 DMS J . 6.87 9.66 -17.34
H12 DMS J . 6.91 7.97 -16.97
H13 DMS J . 7.02 9.14 -15.70
H21 DMS J . 5.17 10.43 -14.66
H22 DMS J . 3.59 10.66 -15.34
H23 DMS J . 4.99 11.28 -16.16
S DMS K . -2.57 8.26 -21.21
O DMS K . -3.70 7.51 -20.55
C1 DMS K . -2.58 7.82 -22.98
C2 DMS K . -0.98 7.53 -20.76
H11 DMS K . -1.88 8.43 -23.49
H12 DMS K . -3.55 7.96 -23.37
H13 DMS K . -2.30 6.80 -23.09
H21 DMS K . -0.39 7.43 -21.64
H22 DMS K . -1.13 6.59 -20.32
H23 DMS K . -0.48 8.17 -20.07
S DMS L . -4.20 21.71 2.21
O DMS L . -2.88 22.41 2.34
C1 DMS L . -4.55 21.32 0.47
C2 DMS L . -5.53 22.93 2.36
H11 DMS L . -4.95 22.17 0.00
H12 DMS L . -5.24 20.53 0.43
H13 DMS L . -3.65 21.03 0.00
H21 DMS L . -5.40 23.69 1.63
H22 DMS L . -5.52 23.37 3.32
H23 DMS L . -6.47 22.45 2.21
S DMS M . 7.28 15.39 12.19
O DMS M . 6.45 16.44 12.86
C1 DMS M . 7.96 14.30 13.48
C2 DMS M . 8.78 16.08 11.44
H11 DMS M . 8.96 14.58 13.69
H12 DMS M . 7.95 13.30 13.13
H13 DMS M . 7.38 14.37 14.35
H21 DMS M . 9.41 16.47 12.19
H22 DMS M . 8.51 16.85 10.76
H23 DMS M . 9.29 15.31 10.90
S DMS N . -12.17 15.15 -14.45
O DMS N . -10.99 14.77 -13.62
C1 DMS N . -12.10 14.23 -16.01
C2 DMS N . -11.93 16.81 -15.15
H11 DMS N . -13.09 14.05 -16.36
H12 DMS N . -11.60 13.32 -15.87
H13 DMS N . -11.59 14.82 -16.74
H21 DMS N . -12.78 17.10 -15.71
H22 DMS N . -11.08 16.81 -15.78
H23 DMS N . -11.78 17.51 -14.36
S DMS O . -19.43 18.28 -4.01
O DMS O . -19.39 17.18 -5.01
C1 DMS O . -17.77 19.01 -3.88
C2 DMS O . -19.50 17.57 -2.33
H11 DMS O . -17.80 19.83 -3.20
H12 DMS O . -17.45 19.35 -4.82
H13 DMS O . -17.09 18.28 -3.51
H21 DMS O . -18.62 17.00 -2.16
H22 DMS O . -20.36 16.95 -2.26
H23 DMS O . -19.57 18.35 -1.62
CL CL P . -8.62 -13.79 1.09
#